data_6UXQ
#
_entry.id   6UXQ
#
_cell.length_a   84.318
_cell.length_b   150.086
_cell.length_c   51.749
_cell.angle_alpha   90.000
_cell.angle_beta   90.000
_cell.angle_gamma   90.000
#
_symmetry.space_group_name_H-M   'C 2 2 21'
#
loop_
_entity.id
_entity.type
_entity.pdbx_description
1 polymer 'Bcl-2 homologous antagonist/killer'
2 non-polymer 'SULFATE ION'
3 non-polymer (HYDROXYETHYLOXY)TRI(ETHYLOXY)OCTANE
4 non-polymer 1,2-ETHANEDIOL
5 non-polymer 1-palmitoyl-2-oleoyl-sn-glycero-3-phosphocholine
6 water water
#
_entity_poly.entity_id   1
_entity_poly.type   'polypeptide(L)'
_entity_poly.pdbx_seq_one_letter_code
;GPLGSSTMGQVGRQLAIIGDDINRRYDSEFQTMLQHLQPTAENAYEYFTKIATSLFESGINWGRVVALLGFGYRLALHVY
QHGLT
;
_entity_poly.pdbx_strand_id   A,B,C,D
#
loop_
_chem_comp.id
_chem_comp.type
_chem_comp.name
_chem_comp.formula
C8E non-polymer (HYDROXYETHYLOXY)TRI(ETHYLOXY)OCTANE 'C16 H34 O5'
EDO non-polymer 1,2-ETHANEDIOL 'C2 H6 O2'
LBN non-polymer 1-palmitoyl-2-oleoyl-sn-glycero-3-phosphocholine 'C42 H82 N O8 P'
SO4 non-polymer 'SULFATE ION' 'O4 S -2'
#
# COMPACT_ATOMS: atom_id res chain seq x y z
N GLY A 1 -14.71 -33.76 -2.18
CA GLY A 1 -13.26 -33.66 -2.32
C GLY A 1 -12.56 -32.86 -1.23
N PRO A 2 -11.24 -33.04 -1.14
CA PRO A 2 -10.49 -32.35 -0.08
C PRO A 2 -10.22 -30.87 -0.36
N LEU A 3 -10.34 -30.40 -1.60
CA LEU A 3 -9.89 -29.04 -1.91
C LEU A 3 -10.69 -27.99 -1.14
N GLY A 4 -12.01 -28.07 -1.18
CA GLY A 4 -12.84 -26.98 -0.69
C GLY A 4 -12.80 -26.78 0.80
N SER A 5 -12.52 -27.84 1.57
CA SER A 5 -12.39 -27.72 3.01
C SER A 5 -10.99 -27.30 3.45
N SER A 6 -9.99 -27.49 2.61
CA SER A 6 -8.64 -27.01 2.96
C SER A 6 -8.59 -25.48 3.01
N THR A 7 -7.57 -24.93 3.69
CA THR A 7 -7.41 -23.48 3.69
C THR A 7 -7.20 -22.94 2.27
N MET A 8 -6.47 -23.69 1.43
CA MET A 8 -6.26 -23.28 0.04
C MET A 8 -7.57 -23.15 -0.71
N GLY A 9 -8.47 -24.14 -0.56
CA GLY A 9 -9.79 -24.04 -1.18
C GLY A 9 -10.56 -22.84 -0.67
N GLN A 10 -10.53 -22.61 0.65
CA GLN A 10 -11.26 -21.49 1.21
C GLN A 10 -10.74 -20.16 0.66
N VAL A 11 -9.41 -20.04 0.53
CA VAL A 11 -8.82 -18.80 0.05
C VAL A 11 -9.20 -18.57 -1.42
N GLY A 12 -9.23 -19.66 -2.21
CA GLY A 12 -9.69 -19.56 -3.59
C GLY A 12 -11.10 -18.99 -3.69
N ARG A 13 -11.99 -19.41 -2.80
CA ARG A 13 -13.35 -18.88 -2.85
C ARG A 13 -13.40 -17.44 -2.38
N GLN A 14 -12.56 -17.08 -1.40
CA GLN A 14 -12.50 -15.69 -0.97
C GLN A 14 -12.00 -14.80 -2.11
N LEU A 15 -11.02 -15.29 -2.88
CA LEU A 15 -10.51 -14.54 -4.01
C LEU A 15 -11.55 -14.44 -5.13
N ALA A 16 -12.44 -15.44 -5.24
CA ALA A 16 -13.55 -15.30 -6.16
C ALA A 16 -14.44 -14.12 -5.75
N ILE A 17 -14.73 -13.99 -4.46
N ILE A 17 -14.74 -14.01 -4.45
CA ILE A 17 -15.57 -12.88 -4.02
CA ILE A 17 -15.56 -12.90 -3.97
C ILE A 17 -14.87 -11.56 -4.27
C ILE A 17 -14.86 -11.57 -4.27
N ILE A 18 -13.57 -11.49 -3.94
CA ILE A 18 -12.81 -10.26 -4.15
C ILE A 18 -12.69 -9.94 -5.64
N GLY A 19 -12.36 -10.93 -6.45
CA GLY A 19 -12.23 -10.69 -7.88
C GLY A 19 -13.53 -10.26 -8.53
N ASP A 20 -14.67 -10.88 -8.14
CA ASP A 20 -15.96 -10.41 -8.64
C ASP A 20 -16.26 -8.99 -8.20
N ASP A 21 -15.85 -8.61 -6.99
CA ASP A 21 -16.05 -7.25 -6.52
C ASP A 21 -15.18 -6.25 -7.28
N ILE A 22 -13.93 -6.61 -7.58
CA ILE A 22 -13.09 -5.75 -8.41
C ILE A 22 -13.74 -5.55 -9.78
N ASN A 23 -14.25 -6.63 -10.35
CA ASN A 23 -14.91 -6.56 -11.66
C ASN A 23 -16.13 -5.65 -11.60
N ARG A 24 -16.99 -5.83 -10.60
CA ARG A 24 -18.18 -4.98 -10.49
C ARG A 24 -17.81 -3.52 -10.27
N ARG A 25 -16.84 -3.27 -9.39
CA ARG A 25 -16.53 -1.89 -9.03
C ARG A 25 -15.94 -1.14 -10.21
N TYR A 26 -15.17 -1.81 -11.07
CA TYR A 26 -14.32 -1.05 -12.00
C TYR A 26 -14.48 -1.36 -13.48
N ASP A 27 -15.14 -2.46 -13.87
CA ASP A 27 -15.25 -2.80 -15.29
C ASP A 27 -15.91 -1.66 -16.07
N SER A 28 -17.07 -1.20 -15.59
CA SER A 28 -17.79 -0.16 -16.32
C SER A 28 -17.04 1.17 -16.31
N GLU A 29 -16.43 1.50 -15.17
CA GLU A 29 -15.57 2.67 -15.09
C GLU A 29 -14.45 2.62 -16.15
N PHE A 30 -13.79 1.46 -16.27
CA PHE A 30 -12.75 1.31 -17.30
C PHE A 30 -13.35 1.52 -18.70
N GLN A 31 -14.53 0.96 -18.96
CA GLN A 31 -15.12 1.15 -20.29
C GLN A 31 -15.37 2.62 -20.59
N THR A 32 -15.91 3.36 -19.62
CA THR A 32 -16.10 4.80 -19.78
C THR A 32 -14.78 5.50 -20.10
N MET A 33 -13.73 5.17 -19.33
CA MET A 33 -12.42 5.76 -19.58
C MET A 33 -11.95 5.46 -21.00
N LEU A 34 -12.16 4.23 -21.46
CA LEU A 34 -11.67 3.85 -22.77
C LEU A 34 -12.51 4.47 -23.89
N GLN A 35 -13.82 4.63 -23.68
CA GLN A 35 -14.63 5.32 -24.68
C GLN A 35 -14.19 6.77 -24.83
N HIS A 36 -13.64 7.37 -23.77
CA HIS A 36 -13.14 8.73 -23.90
C HIS A 36 -11.79 8.77 -24.60
N LEU A 37 -10.95 7.75 -24.39
CA LEU A 37 -9.63 7.70 -25.02
C LEU A 37 -9.71 7.31 -26.48
N GLN A 38 -10.68 6.49 -26.86
CA GLN A 38 -10.81 5.96 -28.22
C GLN A 38 -9.51 5.34 -28.72
N PRO A 39 -8.95 4.36 -28.00
CA PRO A 39 -7.72 3.73 -28.47
C PRO A 39 -7.97 2.87 -29.70
N THR A 40 -6.95 2.77 -30.53
CA THR A 40 -6.94 1.93 -31.71
C THR A 40 -5.66 1.12 -31.68
N ALA A 41 -5.54 0.18 -32.62
CA ALA A 41 -4.30 -0.55 -32.75
C ALA A 41 -3.12 0.38 -33.03
N GLU A 42 -3.36 1.52 -33.67
CA GLU A 42 -2.28 2.43 -34.04
C GLU A 42 -1.71 3.21 -32.86
N ASN A 43 -2.47 3.35 -31.77
CA ASN A 43 -1.98 4.12 -30.62
C ASN A 43 -2.09 3.40 -29.30
N ALA A 44 -2.53 2.14 -29.30
CA ALA A 44 -2.75 1.40 -28.05
C ALA A 44 -1.47 1.31 -27.22
N TYR A 45 -0.34 0.95 -27.86
CA TYR A 45 0.89 0.81 -27.10
C TYR A 45 1.34 2.14 -26.52
N GLU A 46 1.30 3.21 -27.33
N GLU A 46 1.26 3.21 -27.30
CA GLU A 46 1.70 4.52 -26.83
CA GLU A 46 1.72 4.51 -26.81
C GLU A 46 0.83 4.96 -25.67
C GLU A 46 0.82 5.04 -25.71
N TYR A 47 -0.49 4.82 -25.82
CA TYR A 47 -1.39 5.24 -24.75
C TYR A 47 -1.11 4.46 -23.48
N PHE A 48 -0.99 3.13 -23.59
CA PHE A 48 -0.85 2.29 -22.41
C PHE A 48 0.43 2.63 -21.66
N THR A 49 1.54 2.79 -22.38
CA THR A 49 2.83 3.06 -21.72
C THR A 49 2.87 4.45 -21.09
N LYS A 50 2.29 5.47 -21.74
CA LYS A 50 2.25 6.80 -21.13
C LYS A 50 1.34 6.84 -19.92
N ILE A 51 0.23 6.12 -19.98
CA ILE A 51 -0.66 6.01 -18.82
C ILE A 51 0.07 5.32 -17.67
N ALA A 52 0.76 4.23 -17.98
CA ALA A 52 1.49 3.49 -16.94
C ALA A 52 2.55 4.37 -16.28
N THR A 53 3.28 5.15 -17.09
CA THR A 53 4.30 6.04 -16.55
C THR A 53 3.69 7.06 -15.59
N SER A 54 2.53 7.63 -15.94
N SER A 54 2.51 7.61 -15.92
CA SER A 54 1.87 8.55 -15.03
CA SER A 54 1.88 8.56 -15.01
C SER A 54 1.36 7.83 -13.78
C SER A 54 1.29 7.87 -13.79
N LEU A 55 0.79 6.64 -13.95
CA LEU A 55 0.28 5.87 -12.82
C LEU A 55 1.36 5.67 -11.75
N PHE A 56 2.52 5.20 -12.18
CA PHE A 56 3.58 4.85 -11.23
C PHE A 56 4.44 6.03 -10.82
N GLU A 57 4.17 7.23 -11.37
CA GLU A 57 4.95 8.41 -10.99
C GLU A 57 4.91 8.64 -9.49
N SER A 58 3.75 8.43 -8.86
CA SER A 58 3.58 8.69 -7.44
C SER A 58 3.73 7.44 -6.59
N GLY A 59 4.17 6.33 -7.17
CA GLY A 59 4.43 5.13 -6.41
C GLY A 59 3.88 3.90 -7.07
N ILE A 60 4.26 2.75 -6.53
N ILE A 60 4.27 2.76 -6.51
CA ILE A 60 3.75 1.49 -7.03
CA ILE A 60 3.86 1.44 -6.96
C ILE A 60 3.37 0.60 -5.86
C ILE A 60 3.31 0.68 -5.75
N ASN A 61 2.18 0.00 -5.94
CA ASN A 61 1.76 -1.07 -5.04
C ASN A 61 0.98 -2.08 -5.88
N TRP A 62 0.57 -3.19 -5.26
CA TRP A 62 -0.05 -4.24 -6.07
C TRP A 62 -1.42 -3.80 -6.58
N GLY A 63 -2.14 -2.99 -5.81
CA GLY A 63 -3.41 -2.47 -6.29
C GLY A 63 -3.27 -1.67 -7.58
N ARG A 64 -2.23 -0.84 -7.67
CA ARG A 64 -2.01 -0.05 -8.88
C ARG A 64 -1.64 -0.95 -10.04
N VAL A 65 -0.83 -1.96 -9.79
CA VAL A 65 -0.46 -2.88 -10.86
C VAL A 65 -1.69 -3.61 -11.37
N VAL A 66 -2.52 -4.13 -10.45
CA VAL A 66 -3.68 -4.88 -10.95
C VAL A 66 -4.70 -3.95 -11.61
N ALA A 67 -4.82 -2.69 -11.15
CA ALA A 67 -5.66 -1.74 -11.89
C ALA A 67 -5.16 -1.56 -13.31
N LEU A 68 -3.85 -1.43 -13.49
CA LEU A 68 -3.26 -1.29 -14.82
C LEU A 68 -3.49 -2.53 -15.69
N LEU A 69 -3.33 -3.73 -15.10
CA LEU A 69 -3.55 -4.95 -15.86
C LEU A 69 -4.99 -5.09 -16.31
N GLY A 70 -5.95 -4.78 -15.43
CA GLY A 70 -7.36 -4.88 -15.80
C GLY A 70 -7.73 -3.82 -16.83
N PHE A 71 -7.24 -2.60 -16.65
CA PHE A 71 -7.46 -1.56 -17.66
C PHE A 71 -6.84 -1.94 -18.99
N GLY A 72 -5.62 -2.51 -18.95
CA GLY A 72 -4.98 -2.94 -20.19
C GLY A 72 -5.76 -4.02 -20.89
N TYR A 73 -6.30 -4.97 -20.12
CA TYR A 73 -7.13 -6.02 -20.71
C TYR A 73 -8.34 -5.41 -21.41
N ARG A 74 -9.04 -4.51 -20.72
CA ARG A 74 -10.17 -3.82 -21.33
C ARG A 74 -9.75 -2.98 -22.51
N LEU A 75 -8.56 -2.39 -22.46
N LEU A 75 -8.56 -2.38 -22.44
CA LEU A 75 -8.07 -1.64 -23.61
CA LEU A 75 -8.00 -1.65 -23.56
C LEU A 75 -7.87 -2.56 -24.81
C LEU A 75 -7.85 -2.56 -24.78
N ALA A 76 -7.30 -3.76 -24.58
CA ALA A 76 -7.12 -4.69 -25.68
C ALA A 76 -8.45 -5.14 -26.26
N LEU A 77 -9.45 -5.38 -25.40
CA LEU A 77 -10.79 -5.71 -25.90
C LEU A 77 -11.39 -4.57 -26.71
N HIS A 78 -11.18 -3.33 -26.27
CA HIS A 78 -11.72 -2.19 -27.00
C HIS A 78 -11.12 -2.10 -28.40
N VAL A 79 -9.79 -2.22 -28.48
CA VAL A 79 -9.09 -2.18 -29.76
C VAL A 79 -9.54 -3.32 -30.66
N TYR A 80 -9.66 -4.53 -30.11
CA TYR A 80 -10.14 -5.66 -30.88
C TYR A 80 -11.53 -5.39 -31.44
N GLN A 81 -12.46 -4.96 -30.58
CA GLN A 81 -13.85 -4.83 -30.98
C GLN A 81 -14.09 -3.67 -31.93
N HIS A 82 -13.21 -2.67 -31.95
CA HIS A 82 -13.38 -1.56 -32.87
C HIS A 82 -12.56 -1.70 -34.14
N GLY A 83 -11.54 -2.55 -34.14
CA GLY A 83 -10.75 -2.80 -35.32
C GLY A 83 -11.29 -3.92 -36.18
N LEU A 84 -12.45 -4.47 -35.82
CA LEU A 84 -13.02 -5.60 -36.51
C LEU A 84 -13.52 -5.20 -37.90
N GLY B 4 2.28 18.18 -15.63
CA GLY B 4 2.06 17.86 -17.02
C GLY B 4 0.72 18.31 -17.59
N SER B 5 0.59 18.22 -18.91
CA SER B 5 -0.59 18.71 -19.61
C SER B 5 -1.37 17.61 -20.32
N SER B 6 -0.85 16.38 -20.34
CA SER B 6 -1.37 15.34 -21.21
C SER B 6 -2.61 14.66 -20.62
N THR B 7 -3.45 14.17 -21.52
CA THR B 7 -4.56 13.33 -21.09
C THR B 7 -4.06 12.00 -20.53
N MET B 8 -2.96 11.47 -21.07
CA MET B 8 -2.46 10.22 -20.49
C MET B 8 -2.06 10.40 -19.03
N GLY B 9 -1.57 11.60 -18.66
CA GLY B 9 -1.32 11.86 -17.25
C GLY B 9 -2.60 11.87 -16.43
N GLN B 10 -3.64 12.51 -16.94
CA GLN B 10 -4.95 12.52 -16.28
C GLN B 10 -5.46 11.11 -16.04
N VAL B 11 -5.40 10.27 -17.08
CA VAL B 11 -5.86 8.89 -16.95
C VAL B 11 -5.00 8.13 -15.95
N GLY B 12 -3.68 8.32 -16.03
CA GLY B 12 -2.79 7.64 -15.08
C GLY B 12 -3.13 7.97 -13.64
N ARG B 13 -3.51 9.22 -13.37
CA ARG B 13 -3.88 9.58 -12.00
C ARG B 13 -5.23 8.98 -11.59
N GLN B 14 -6.19 8.90 -12.51
N GLN B 14 -6.19 8.89 -12.51
CA GLN B 14 -7.44 8.20 -12.17
CA GLN B 14 -7.44 8.20 -12.20
C GLN B 14 -7.17 6.73 -11.87
C GLN B 14 -7.19 6.73 -11.89
N LEU B 15 -6.25 6.09 -12.61
CA LEU B 15 -5.89 4.72 -12.29
C LEU B 15 -5.15 4.60 -10.96
N ALA B 16 -4.40 5.61 -10.56
CA ALA B 16 -3.74 5.59 -9.25
C ALA B 16 -4.76 5.64 -8.13
N ILE B 17 -5.82 6.44 -8.31
CA ILE B 17 -6.92 6.48 -7.36
C ILE B 17 -7.56 5.11 -7.24
N ILE B 18 -7.87 4.50 -8.38
CA ILE B 18 -8.53 3.17 -8.39
C ILE B 18 -7.60 2.12 -7.78
N GLY B 19 -6.33 2.14 -8.19
CA GLY B 19 -5.38 1.18 -7.66
C GLY B 19 -5.16 1.31 -6.16
N ASP B 20 -5.09 2.55 -5.66
CA ASP B 20 -4.96 2.75 -4.23
C ASP B 20 -6.21 2.27 -3.50
N ASP B 21 -7.40 2.50 -4.10
CA ASP B 21 -8.63 2.00 -3.49
C ASP B 21 -8.61 0.47 -3.42
N ILE B 22 -8.20 -0.19 -4.51
CA ILE B 22 -8.07 -1.66 -4.50
C ILE B 22 -7.12 -2.12 -3.40
N ASN B 23 -5.96 -1.48 -3.31
CA ASN B 23 -4.96 -1.87 -2.33
C ASN B 23 -5.51 -1.74 -0.90
N ARG B 24 -6.13 -0.61 -0.57
CA ARG B 24 -6.61 -0.47 0.80
C ARG B 24 -7.87 -1.30 1.04
N ARG B 25 -8.67 -1.54 0.00
CA ARG B 25 -9.91 -2.28 0.18
C ARG B 25 -9.64 -3.74 0.54
N TYR B 26 -8.64 -4.35 -0.09
CA TYR B 26 -8.46 -5.78 0.05
C TYR B 26 -7.16 -6.22 0.73
N ASP B 27 -6.17 -5.33 0.96
CA ASP B 27 -4.90 -5.85 1.45
C ASP B 27 -5.03 -6.45 2.86
N SER B 28 -5.86 -5.89 3.72
CA SER B 28 -6.05 -6.49 5.03
C SER B 28 -6.71 -7.86 4.95
N GLU B 29 -7.60 -8.04 3.98
CA GLU B 29 -8.16 -9.37 3.74
C GLU B 29 -7.10 -10.34 3.25
N PHE B 30 -6.24 -9.88 2.31
CA PHE B 30 -5.11 -10.71 1.88
C PHE B 30 -4.24 -11.08 3.07
N GLN B 31 -4.02 -10.13 3.98
CA GLN B 31 -3.17 -10.41 5.14
C GLN B 31 -3.75 -11.51 6.00
N THR B 32 -5.05 -11.44 6.29
N THR B 32 -5.06 -11.44 6.30
CA THR B 32 -5.68 -12.49 7.09
CA THR B 32 -5.66 -12.47 7.15
C THR B 32 -5.62 -13.83 6.40
C THR B 32 -5.69 -13.82 6.46
N MET B 33 -5.88 -13.85 5.08
N MET B 33 -5.83 -13.84 5.13
CA MET B 33 -5.76 -15.09 4.32
CA MET B 33 -5.75 -15.12 4.42
C MET B 33 -4.35 -15.67 4.44
C MET B 33 -4.34 -15.68 4.46
N LEU B 34 -3.33 -14.83 4.32
CA LEU B 34 -1.95 -15.31 4.43
C LEU B 34 -1.65 -15.81 5.84
N GLN B 35 -2.21 -15.16 6.87
CA GLN B 35 -1.98 -15.65 8.22
C GLN B 35 -2.67 -17.00 8.44
N HIS B 36 -3.83 -17.23 7.80
CA HIS B 36 -4.47 -18.53 7.92
C HIS B 36 -3.71 -19.61 7.14
N LEU B 37 -3.08 -19.24 6.02
CA LEU B 37 -2.34 -20.20 5.21
C LEU B 37 -1.00 -20.57 5.82
N GLN B 38 -0.34 -19.61 6.47
CA GLN B 38 1.01 -19.80 6.98
C GLN B 38 1.94 -20.32 5.87
N PRO B 39 2.03 -19.62 4.75
CA PRO B 39 2.86 -20.13 3.65
C PRO B 39 4.34 -20.08 3.99
N THR B 40 5.10 -20.98 3.38
CA THR B 40 6.55 -21.04 3.51
C THR B 40 7.16 -21.12 2.13
N ALA B 41 8.49 -21.04 2.07
CA ALA B 41 9.14 -21.16 0.76
C ALA B 41 8.87 -22.53 0.15
N GLU B 42 8.68 -23.55 0.98
CA GLU B 42 8.54 -24.91 0.50
C GLU B 42 7.15 -25.21 -0.08
N ASN B 43 6.11 -24.55 0.41
CA ASN B 43 4.76 -24.89 -0.02
C ASN B 43 4.10 -23.78 -0.83
N ALA B 44 4.80 -22.68 -1.11
CA ALA B 44 4.15 -21.53 -1.75
C ALA B 44 3.58 -21.89 -3.12
N TYR B 45 4.35 -22.59 -3.96
N TYR B 45 4.35 -22.60 -3.95
CA TYR B 45 3.87 -22.97 -5.28
CA TYR B 45 3.86 -22.96 -5.28
C TYR B 45 2.64 -23.87 -5.17
C TYR B 45 2.65 -23.88 -5.19
N GLU B 46 2.68 -24.86 -4.29
CA GLU B 46 1.54 -25.74 -4.09
C GLU B 46 0.30 -24.96 -3.68
N TYR B 47 0.45 -24.10 -2.67
CA TYR B 47 -0.67 -23.30 -2.21
C TYR B 47 -1.24 -22.44 -3.32
N PHE B 48 -0.37 -21.76 -4.08
CA PHE B 48 -0.86 -20.89 -5.15
C PHE B 48 -1.62 -21.69 -6.20
N THR B 49 -1.06 -22.83 -6.60
CA THR B 49 -1.72 -23.67 -7.59
C THR B 49 -3.09 -24.12 -7.11
N LYS B 50 -3.19 -24.52 -5.85
CA LYS B 50 -4.45 -25.05 -5.35
C LYS B 50 -5.47 -23.94 -5.12
N ILE B 51 -5.00 -22.78 -4.64
CA ILE B 51 -5.88 -21.62 -4.55
C ILE B 51 -6.46 -21.28 -5.90
N ALA B 52 -5.63 -21.29 -6.94
CA ALA B 52 -6.09 -20.94 -8.29
C ALA B 52 -7.10 -21.96 -8.80
N THR B 53 -6.87 -23.25 -8.52
CA THR B 53 -7.85 -24.28 -8.90
C THR B 53 -9.20 -23.99 -8.27
N SER B 54 -9.21 -23.66 -6.97
CA SER B 54 -10.46 -23.35 -6.29
C SER B 54 -11.12 -22.12 -6.89
N LEU B 55 -10.31 -21.09 -7.14
CA LEU B 55 -10.81 -19.83 -7.67
C LEU B 55 -11.53 -20.02 -9.00
N PHE B 56 -10.86 -20.66 -9.97
CA PHE B 56 -11.40 -20.71 -11.31
C PHE B 56 -12.44 -21.80 -11.49
N GLU B 57 -12.61 -22.71 -10.52
CA GLU B 57 -13.67 -23.71 -10.60
C GLU B 57 -15.04 -23.06 -10.78
N SER B 58 -15.27 -21.92 -10.14
CA SER B 58 -16.56 -21.23 -10.18
C SER B 58 -16.62 -20.15 -11.24
N GLY B 59 -15.64 -20.09 -12.15
CA GLY B 59 -15.70 -19.18 -13.26
C GLY B 59 -14.45 -18.32 -13.35
N ILE B 60 -14.33 -17.65 -14.49
CA ILE B 60 -13.16 -16.83 -14.76
C ILE B 60 -13.59 -15.51 -15.37
N ASN B 61 -13.01 -14.43 -14.87
CA ASN B 61 -13.16 -13.11 -15.48
C ASN B 61 -11.91 -12.33 -15.12
N TRP B 62 -11.75 -11.15 -15.72
CA TRP B 62 -10.49 -10.44 -15.51
C TRP B 62 -10.28 -10.06 -14.04
N GLY B 63 -11.35 -9.78 -13.29
CA GLY B 63 -11.17 -9.38 -11.91
C GLY B 63 -10.62 -10.51 -11.06
N ARG B 64 -11.10 -11.73 -11.31
CA ARG B 64 -10.55 -12.93 -10.66
C ARG B 64 -9.08 -13.16 -11.03
N VAL B 65 -8.75 -13.00 -12.32
CA VAL B 65 -7.36 -13.21 -12.73
C VAL B 65 -6.43 -12.20 -12.04
N VAL B 66 -6.79 -10.91 -12.06
CA VAL B 66 -5.87 -9.94 -11.44
C VAL B 66 -5.87 -10.06 -9.91
N ALA B 67 -6.99 -10.44 -9.29
CA ALA B 67 -6.97 -10.70 -7.86
C ALA B 67 -6.02 -11.83 -7.51
N LEU B 68 -6.02 -12.90 -8.31
CA LEU B 68 -5.10 -14.00 -8.08
C LEU B 68 -3.66 -13.53 -8.23
N LEU B 69 -3.37 -12.71 -9.24
CA LEU B 69 -2.00 -12.25 -9.47
C LEU B 69 -1.53 -11.35 -8.33
N GLY B 70 -2.40 -10.47 -7.86
CA GLY B 70 -2.04 -9.64 -6.72
C GLY B 70 -1.83 -10.46 -5.46
N PHE B 71 -2.69 -11.45 -5.23
CA PHE B 71 -2.49 -12.31 -4.07
C PHE B 71 -1.20 -13.11 -4.21
N GLY B 72 -0.90 -13.60 -5.41
CA GLY B 72 0.35 -14.33 -5.59
C GLY B 72 1.58 -13.49 -5.30
N TYR B 73 1.58 -12.23 -5.77
CA TYR B 73 2.65 -11.31 -5.38
C TYR B 73 2.72 -11.15 -3.86
N ARG B 74 1.57 -10.97 -3.21
CA ARG B 74 1.57 -10.78 -1.76
C ARG B 74 2.00 -12.03 -1.02
N LEU B 75 1.64 -13.20 -1.54
CA LEU B 75 2.15 -14.46 -1.00
C LEU B 75 3.68 -14.52 -1.07
N ALA B 76 4.25 -14.18 -2.23
CA ALA B 76 5.70 -14.19 -2.34
C ALA B 76 6.34 -13.18 -1.40
N LEU B 77 5.76 -11.98 -1.31
CA LEU B 77 6.31 -10.95 -0.41
C LEU B 77 6.27 -11.41 1.04
N HIS B 78 5.15 -12.03 1.44
CA HIS B 78 5.01 -12.56 2.80
C HIS B 78 6.10 -13.57 3.13
N VAL B 79 6.32 -14.52 2.22
CA VAL B 79 7.37 -15.51 2.45
C VAL B 79 8.73 -14.82 2.59
N TYR B 80 9.00 -13.85 1.71
CA TYR B 80 10.27 -13.14 1.76
C TYR B 80 10.44 -12.37 3.07
N GLN B 81 9.42 -11.61 3.47
CA GLN B 81 9.55 -10.77 4.65
C GLN B 81 9.75 -11.61 5.91
N HIS B 82 9.03 -12.72 6.02
CA HIS B 82 9.01 -13.51 7.23
C HIS B 82 10.11 -14.55 7.28
N GLY B 83 10.99 -14.58 6.29
CA GLY B 83 12.01 -15.61 6.24
C GLY B 83 13.31 -15.19 5.58
N SER C 6 -14.13 23.19 13.85
CA SER C 6 -14.55 22.01 14.58
C SER C 6 -14.24 20.73 13.79
N THR C 7 -14.26 20.85 12.47
CA THR C 7 -13.93 19.71 11.61
C THR C 7 -12.44 19.37 11.72
N MET C 8 -11.58 20.39 11.62
CA MET C 8 -10.15 20.14 11.75
C MET C 8 -9.81 19.58 13.11
N GLY C 9 -10.56 19.97 14.14
CA GLY C 9 -10.33 19.41 15.46
C GLY C 9 -10.66 17.94 15.55
N GLN C 10 -11.75 17.53 14.90
CA GLN C 10 -12.09 16.10 14.86
C GLN C 10 -11.00 15.28 14.18
N VAL C 11 -10.46 15.79 13.06
CA VAL C 11 -9.42 15.07 12.33
C VAL C 11 -8.14 15.00 13.14
N GLY C 12 -7.75 16.12 13.76
CA GLY C 12 -6.58 16.12 14.62
C GLY C 12 -6.68 15.12 15.76
N ARG C 13 -7.87 15.01 16.37
CA ARG C 13 -8.03 14.09 17.49
C ARG C 13 -7.99 12.64 17.04
N GLN C 14 -8.46 12.36 15.82
CA GLN C 14 -8.34 11.01 15.28
C GLN C 14 -6.87 10.66 15.02
N LEU C 15 -6.09 11.62 14.52
CA LEU C 15 -4.67 11.40 14.34
C LEU C 15 -3.96 11.20 15.67
N ALA C 16 -4.43 11.84 16.73
CA ALA C 16 -3.84 11.61 18.04
C ALA C 16 -4.10 10.19 18.51
N ILE C 17 -5.30 9.66 18.22
CA ILE C 17 -5.60 8.28 18.56
C ILE C 17 -4.74 7.31 17.76
N ILE C 18 -4.64 7.54 16.45
CA ILE C 18 -3.77 6.72 15.59
C ILE C 18 -2.32 6.78 16.09
N GLY C 19 -1.81 7.98 16.33
CA GLY C 19 -0.43 8.11 16.78
C GLY C 19 -0.17 7.36 18.07
N ASP C 20 -1.10 7.45 19.03
CA ASP C 20 -0.95 6.72 20.28
C ASP C 20 -1.00 5.21 20.06
N ASP C 21 -1.77 4.74 19.08
CA ASP C 21 -1.80 3.31 18.80
C ASP C 21 -0.49 2.84 18.17
N ILE C 22 0.08 3.65 17.28
CA ILE C 22 1.39 3.36 16.71
C ILE C 22 2.44 3.29 17.81
N ASN C 23 2.42 4.27 18.71
CA ASN C 23 3.35 4.28 19.83
C ASN C 23 3.13 3.07 20.74
N ARG C 24 1.86 2.75 21.04
CA ARG C 24 1.55 1.59 21.86
C ARG C 24 2.05 0.30 21.22
N ARG C 25 1.89 0.15 19.90
CA ARG C 25 2.13 -1.14 19.26
C ARG C 25 3.62 -1.43 19.05
N TYR C 26 4.43 -0.41 18.78
CA TYR C 26 5.78 -0.63 18.26
C TYR C 26 6.91 -0.02 19.08
N ASP C 27 6.63 0.87 20.04
CA ASP C 27 7.70 1.52 20.78
C ASP C 27 8.56 0.49 21.54
N SER C 28 7.92 -0.47 22.20
CA SER C 28 8.66 -1.51 22.90
C SER C 28 9.38 -2.43 21.93
N GLU C 29 8.74 -2.72 20.78
CA GLU C 29 9.40 -3.51 19.75
C GLU C 29 10.66 -2.83 19.24
N PHE C 30 10.60 -1.51 19.03
CA PHE C 30 11.80 -0.79 18.61
C PHE C 30 12.87 -0.85 19.69
N GLN C 31 12.48 -0.67 20.96
CA GLN C 31 13.46 -0.70 22.04
C GLN C 31 14.17 -2.04 22.13
N THR C 32 13.43 -3.15 22.00
CA THR C 32 14.08 -4.45 22.13
C THR C 32 15.01 -4.70 20.94
N MET C 33 14.61 -4.28 19.73
CA MET C 33 15.50 -4.37 18.58
C MET C 33 16.79 -3.59 18.85
N LEU C 34 16.67 -2.40 19.43
CA LEU C 34 17.85 -1.58 19.67
C LEU C 34 18.69 -2.09 20.84
N GLN C 35 18.06 -2.70 21.84
CA GLN C 35 18.83 -3.29 22.92
C GLN C 35 19.67 -4.45 22.42
N HIS C 36 19.26 -5.11 21.34
CA HIS C 36 20.06 -6.17 20.75
CA HIS C 36 20.06 -6.17 20.75
C HIS C 36 21.10 -5.65 19.75
N LEU C 37 20.80 -4.56 19.04
CA LEU C 37 21.75 -4.00 18.07
C LEU C 37 22.88 -3.24 18.74
N GLN C 38 22.61 -2.66 19.91
CA GLN C 38 23.61 -1.92 20.67
C GLN C 38 24.31 -0.86 19.80
N PRO C 39 23.56 0.01 19.13
CA PRO C 39 24.21 1.03 18.31
C PRO C 39 24.94 2.04 19.19
N THR C 40 25.98 2.63 18.62
CA THR C 40 26.78 3.65 19.31
C THR C 40 26.81 4.93 18.48
N ALA C 41 27.43 5.96 19.07
CA ALA C 41 27.68 7.20 18.34
C ALA C 41 28.47 6.95 17.06
N GLU C 42 29.36 5.96 17.05
CA GLU C 42 30.23 5.73 15.91
C GLU C 42 29.59 4.92 14.81
N ASN C 43 28.54 4.15 15.08
CA ASN C 43 27.95 3.34 14.03
C ASN C 43 26.45 3.59 13.81
N ALA C 44 25.84 4.52 14.53
CA ALA C 44 24.40 4.80 14.37
C ALA C 44 24.05 5.12 12.91
N TYR C 45 24.82 5.99 12.26
CA TYR C 45 24.52 6.37 10.89
C TYR C 45 24.63 5.19 9.94
N GLU C 46 25.73 4.43 10.04
CA GLU C 46 25.89 3.23 9.23
C GLU C 46 24.74 2.25 9.46
N TYR C 47 24.38 2.00 10.72
CA TYR C 47 23.29 1.07 11.01
C TYR C 47 21.99 1.57 10.39
N PHE C 48 21.69 2.87 10.55
CA PHE C 48 20.43 3.39 10.05
C PHE C 48 20.34 3.27 8.54
N THR C 49 21.42 3.60 7.83
CA THR C 49 21.37 3.61 6.38
C THR C 49 21.30 2.21 5.80
N LYS C 50 22.01 1.24 6.39
CA LYS C 50 21.93 -0.13 5.90
C LYS C 50 20.58 -0.77 6.20
N ILE C 51 20.01 -0.43 7.36
CA ILE C 51 18.66 -0.85 7.71
C ILE C 51 17.65 -0.26 6.75
N ALA C 52 17.80 1.05 6.42
CA ALA C 52 16.87 1.69 5.49
C ALA C 52 16.97 1.05 4.11
N THR C 53 18.17 0.73 3.65
CA THR C 53 18.33 0.06 2.35
C THR C 53 17.61 -1.29 2.33
N SER C 54 17.75 -2.06 3.39
CA SER C 54 17.06 -3.35 3.46
C SER C 54 15.55 -3.17 3.49
N LEU C 55 15.07 -2.18 4.25
CA LEU C 55 13.63 -1.94 4.34
C LEU C 55 13.03 -1.63 2.97
N PHE C 56 13.65 -0.76 2.21
CA PHE C 56 13.06 -0.28 0.96
C PHE C 56 13.39 -1.17 -0.23
N GLU C 57 14.19 -2.22 -0.05
CA GLU C 57 14.51 -3.07 -1.17
C GLU C 57 13.28 -3.84 -1.67
N SER C 58 12.28 -4.05 -0.81
CA SER C 58 11.02 -4.64 -1.25
C SER C 58 9.91 -3.62 -1.54
N GLY C 59 10.23 -2.33 -1.56
CA GLY C 59 9.24 -1.32 -1.91
C GLY C 59 9.14 -0.23 -0.87
N ILE C 60 8.35 0.78 -1.20
N ILE C 60 8.37 0.80 -1.22
CA ILE C 60 8.16 1.92 -0.30
CA ILE C 60 8.13 1.94 -0.35
C ILE C 60 6.70 2.36 -0.30
C ILE C 60 6.63 2.19 -0.27
N ASN C 61 6.19 2.65 0.89
CA ASN C 61 4.87 3.25 1.07
C ASN C 61 4.98 4.12 2.31
N TRP C 62 3.91 4.85 2.64
CA TRP C 62 4.06 5.80 3.74
C TRP C 62 4.22 5.09 5.08
N GLY C 63 3.59 3.91 5.24
CA GLY C 63 3.75 3.15 6.47
C GLY C 63 5.19 2.74 6.73
N ARG C 64 5.89 2.31 5.69
CA ARG C 64 7.30 1.95 5.84
C ARG C 64 8.16 3.16 6.18
N VAL C 65 7.88 4.32 5.57
CA VAL C 65 8.64 5.51 5.92
C VAL C 65 8.38 5.90 7.37
N VAL C 66 7.13 5.83 7.83
CA VAL C 66 6.85 6.21 9.22
C VAL C 66 7.46 5.21 10.19
N ALA C 67 7.46 3.90 9.86
CA ALA C 67 8.16 2.93 10.71
C ALA C 67 9.64 3.27 10.80
N LEU C 68 10.25 3.67 9.68
CA LEU C 68 11.67 4.00 9.71
C LEU C 68 11.92 5.24 10.53
N LEU C 69 11.04 6.24 10.42
N LEU C 69 11.04 6.24 10.42
CA LEU C 69 11.19 7.46 11.20
CA LEU C 69 11.18 7.47 11.19
C LEU C 69 11.04 7.20 12.68
C LEU C 69 11.04 7.20 12.68
N GLY C 70 10.05 6.38 13.07
CA GLY C 70 9.92 6.03 14.47
C GLY C 70 11.12 5.25 14.95
N PHE C 71 11.63 4.35 14.12
CA PHE C 71 12.81 3.57 14.52
C PHE C 71 14.04 4.46 14.63
N GLY C 72 14.22 5.38 13.68
CA GLY C 72 15.34 6.33 13.75
C GLY C 72 15.30 7.20 14.99
N TYR C 73 14.09 7.62 15.40
CA TYR C 73 13.94 8.36 16.64
C TYR C 73 14.36 7.51 17.84
N ARG C 74 13.85 6.28 17.92
CA ARG C 74 14.25 5.41 19.02
C ARG C 74 15.74 5.08 18.96
N LEU C 75 16.30 5.01 17.74
CA LEU C 75 17.74 4.81 17.60
C LEU C 75 18.53 5.98 18.16
N ALA C 76 18.11 7.21 17.84
CA ALA C 76 18.76 8.39 18.39
C ALA C 76 18.66 8.43 19.91
N LEU C 77 17.50 8.06 20.46
CA LEU C 77 17.34 7.98 21.92
C LEU C 77 18.28 6.93 22.53
N HIS C 78 18.37 5.76 21.89
CA HIS C 78 19.25 4.72 22.44
C HIS C 78 20.70 5.18 22.47
N VAL C 79 21.17 5.82 21.40
CA VAL C 79 22.54 6.31 21.38
C VAL C 79 22.75 7.39 22.45
N TYR C 80 21.79 8.31 22.57
CA TYR C 80 21.91 9.39 23.53
C TYR C 80 22.07 8.84 24.94
N GLN C 81 21.38 7.75 25.26
CA GLN C 81 21.35 7.22 26.61
C GLN C 81 22.43 6.19 26.86
N HIS C 82 22.89 5.48 25.84
CA HIS C 82 23.77 4.35 26.06
C HIS C 82 25.00 4.31 25.17
N GLY C 83 25.10 5.18 24.17
CA GLY C 83 26.10 5.02 23.14
C GLY C 83 27.07 6.18 22.99
N LEU C 84 27.19 7.02 24.02
CA LEU C 84 28.12 8.15 23.92
C LEU C 84 29.48 7.82 24.49
N THR C 85 29.53 6.93 25.48
CA THR C 85 30.81 6.56 26.06
C THR C 85 30.82 5.06 26.36
N SER D 5 25.36 -6.85 8.59
CA SER D 5 24.89 -6.89 7.21
C SER D 5 23.65 -7.79 7.09
N SER D 6 23.81 -9.07 7.44
CA SER D 6 22.66 -9.96 7.53
C SER D 6 21.76 -9.55 8.70
N THR D 7 22.37 -9.13 9.81
CA THR D 7 21.60 -8.54 10.91
C THR D 7 20.83 -7.32 10.46
N MET D 8 21.48 -6.43 9.69
CA MET D 8 20.77 -5.25 9.18
C MET D 8 19.60 -5.66 8.31
N GLY D 9 19.77 -6.71 7.51
CA GLY D 9 18.70 -7.16 6.64
C GLY D 9 17.52 -7.70 7.41
N GLN D 10 17.79 -8.46 8.48
CA GLN D 10 16.68 -8.94 9.32
C GLN D 10 15.91 -7.79 9.96
N VAL D 11 16.63 -6.78 10.46
CA VAL D 11 15.97 -5.61 11.03
C VAL D 11 15.16 -4.89 9.98
N GLY D 12 15.74 -4.69 8.79
CA GLY D 12 15.01 -4.00 7.74
C GLY D 12 13.75 -4.73 7.32
N ARG D 13 13.80 -6.06 7.28
CA ARG D 13 12.60 -6.80 6.92
C ARG D 13 11.57 -6.76 8.02
N GLN D 14 12.00 -6.72 9.28
CA GLN D 14 11.07 -6.52 10.38
C GLN D 14 10.39 -5.17 10.29
N LEU D 15 11.15 -4.12 9.93
CA LEU D 15 10.54 -2.81 9.75
C LEU D 15 9.61 -2.80 8.54
N ALA D 16 9.90 -3.60 7.51
CA ALA D 16 9.00 -3.67 6.37
C ALA D 16 7.66 -4.28 6.79
N ILE D 17 7.70 -5.34 7.60
CA ILE D 17 6.48 -5.96 8.11
C ILE D 17 5.68 -4.94 8.91
N ILE D 18 6.36 -4.19 9.77
CA ILE D 18 5.69 -3.22 10.64
C ILE D 18 5.12 -2.07 9.81
N GLY D 19 5.90 -1.57 8.83
CA GLY D 19 5.40 -0.50 7.98
C GLY D 19 4.18 -0.91 7.20
N ASP D 20 4.16 -2.15 6.69
CA ASP D 20 2.98 -2.60 5.95
C ASP D 20 1.80 -2.77 6.87
N ASP D 21 2.04 -3.22 8.10
N ASP D 21 2.04 -3.24 8.10
CA ASP D 21 0.98 -3.32 9.09
CA ASP D 21 0.98 -3.33 9.09
C ASP D 21 0.38 -1.96 9.39
C ASP D 21 0.38 -1.95 9.37
N ILE D 22 1.24 -0.94 9.53
CA ILE D 22 0.77 0.43 9.77
C ILE D 22 -0.08 0.90 8.60
N ASN D 23 0.40 0.67 7.37
CA ASN D 23 -0.33 1.11 6.19
C ASN D 23 -1.71 0.45 6.12
N ARG D 24 -1.76 -0.86 6.41
CA ARG D 24 -3.02 -1.60 6.44
C ARG D 24 -3.98 -1.08 7.50
N ARG D 25 -3.46 -0.76 8.69
CA ARG D 25 -4.35 -0.52 9.82
C ARG D 25 -5.05 0.84 9.71
N TYR D 26 -4.41 1.84 9.11
CA TYR D 26 -4.87 3.20 9.20
C TYR D 26 -5.21 3.85 7.87
N ASP D 27 -4.85 3.26 6.73
CA ASP D 27 -5.03 4.00 5.48
C ASP D 27 -6.51 4.16 5.12
N SER D 28 -7.35 3.20 5.48
CA SER D 28 -8.79 3.35 5.29
C SER D 28 -9.37 4.46 6.17
N GLU D 29 -8.82 4.62 7.39
CA GLU D 29 -9.21 5.74 8.22
C GLU D 29 -8.74 7.06 7.62
N PHE D 30 -7.49 7.11 7.16
CA PHE D 30 -7.02 8.29 6.43
C PHE D 30 -7.99 8.60 5.28
N GLN D 31 -8.42 7.57 4.55
CA GLN D 31 -9.27 7.79 3.38
C GLN D 31 -10.63 8.37 3.76
N THR D 32 -11.23 7.84 4.83
CA THR D 32 -12.48 8.39 5.33
C THR D 32 -12.34 9.86 5.65
N MET D 33 -11.25 10.23 6.33
CA MET D 33 -11.09 11.64 6.69
C MET D 33 -10.87 12.50 5.46
N LEU D 34 -10.11 12.02 4.47
CA LEU D 34 -9.89 12.81 3.26
C LEU D 34 -11.17 12.98 2.46
N GLN D 35 -12.00 11.95 2.39
CA GLN D 35 -13.24 12.06 1.64
C GLN D 35 -14.22 13.01 2.30
N HIS D 36 -14.12 13.21 3.60
CA HIS D 36 -14.92 14.24 4.26
C HIS D 36 -14.31 15.63 4.08
N LEU D 37 -12.98 15.74 4.15
CA LEU D 37 -12.36 17.06 4.04
C LEU D 37 -12.43 17.60 2.61
N GLN D 38 -12.33 16.70 1.62
CA GLN D 38 -12.19 17.03 0.21
C GLN D 38 -11.25 18.22 -0.01
N PRO D 39 -9.98 18.08 0.34
CA PRO D 39 -9.05 19.21 0.19
C PRO D 39 -8.79 19.53 -1.27
N THR D 40 -8.56 20.81 -1.53
CA THR D 40 -8.18 21.30 -2.83
C THR D 40 -6.77 21.87 -2.76
N ALA D 41 -6.20 22.16 -3.93
CA ALA D 41 -4.91 22.84 -3.97
C ALA D 41 -4.98 24.17 -3.22
N GLU D 42 -6.17 24.82 -3.20
CA GLU D 42 -6.31 26.12 -2.55
C GLU D 42 -6.24 26.03 -1.03
N ASN D 43 -6.81 24.98 -0.42
CA ASN D 43 -6.92 24.95 1.04
C ASN D 43 -6.10 23.85 1.71
N ALA D 44 -5.33 23.07 0.96
CA ALA D 44 -4.65 21.93 1.58
C ALA D 44 -3.71 22.38 2.70
N TYR D 45 -2.91 23.43 2.44
CA TYR D 45 -1.96 23.88 3.44
C TYR D 45 -2.68 24.40 4.67
N GLU D 46 -3.73 25.19 4.46
CA GLU D 46 -4.54 25.66 5.58
C GLU D 46 -5.12 24.50 6.37
N TYR D 47 -5.65 23.49 5.70
CA TYR D 47 -6.23 22.35 6.43
C TYR D 47 -5.16 21.63 7.24
N PHE D 48 -4.00 21.35 6.63
CA PHE D 48 -2.93 20.67 7.35
C PHE D 48 -2.51 21.43 8.60
N THR D 49 -2.38 22.76 8.50
CA THR D 49 -1.93 23.55 9.65
C THR D 49 -2.96 23.52 10.78
N LYS D 50 -4.25 23.58 10.45
CA LYS D 50 -5.27 23.52 11.50
C LYS D 50 -5.33 22.13 12.13
N ILE D 51 -5.23 21.08 11.30
CA ILE D 51 -5.18 19.72 11.80
C ILE D 51 -3.98 19.51 12.72
N ALA D 52 -2.79 19.97 12.27
CA ALA D 52 -1.59 19.83 13.09
C ALA D 52 -1.73 20.55 14.42
N THR D 53 -2.24 21.78 14.38
CA THR D 53 -2.45 22.53 15.61
C THR D 53 -3.36 21.76 16.56
N SER D 54 -4.41 21.15 16.04
CA SER D 54 -5.32 20.38 16.88
C SER D 54 -4.65 19.14 17.44
N LEU D 55 -3.87 18.45 16.60
CA LEU D 55 -3.19 17.24 17.05
C LEU D 55 -2.28 17.52 18.24
N PHE D 56 -1.53 18.61 18.19
CA PHE D 56 -0.50 18.90 19.18
C PHE D 56 -1.00 19.71 20.35
N GLU D 57 -2.27 20.10 20.36
CA GLU D 57 -2.88 20.58 21.61
C GLU D 57 -3.07 19.43 22.59
N SER D 58 -3.20 18.20 22.09
N SER D 58 -3.20 18.20 22.08
CA SER D 58 -3.43 17.03 22.94
CA SER D 58 -3.42 17.02 22.90
C SER D 58 -2.14 16.42 23.46
C SER D 58 -2.14 16.45 23.48
N GLY D 59 -0.99 16.90 23.01
CA GLY D 59 0.30 16.36 23.42
C GLY D 59 1.07 15.81 22.23
N ILE D 60 2.33 15.48 22.50
CA ILE D 60 3.25 15.05 21.47
C ILE D 60 4.01 13.81 21.92
N ASN D 61 4.14 12.85 21.00
CA ASN D 61 5.05 11.71 21.13
C ASN D 61 5.41 11.32 19.71
N TRP D 62 6.35 10.37 19.56
CA TRP D 62 6.84 10.12 18.20
C TRP D 62 5.74 9.52 17.32
N GLY D 63 4.87 8.69 17.90
CA GLY D 63 3.79 8.12 17.10
C GLY D 63 2.85 9.16 16.56
N ARG D 64 2.56 10.20 17.35
CA ARG D 64 1.70 11.27 16.86
C ARG D 64 2.39 12.12 15.80
N VAL D 65 3.71 12.31 15.94
CA VAL D 65 4.44 13.11 14.95
C VAL D 65 4.47 12.39 13.61
N VAL D 66 4.79 11.09 13.62
CA VAL D 66 4.87 10.37 12.36
C VAL D 66 3.48 10.13 11.77
N ALA D 67 2.44 10.02 12.61
CA ALA D 67 1.09 9.89 12.05
C ALA D 67 0.68 11.17 11.32
N LEU D 68 1.06 12.33 11.86
CA LEU D 68 0.81 13.59 11.17
C LEU D 68 1.54 13.64 9.84
N LEU D 69 2.81 13.23 9.82
CA LEU D 69 3.55 13.25 8.56
C LEU D 69 2.93 12.32 7.54
N GLY D 70 2.51 11.12 7.98
CA GLY D 70 1.87 10.19 7.07
C GLY D 70 0.56 10.73 6.52
N PHE D 71 -0.24 11.36 7.38
CA PHE D 71 -1.49 11.96 6.91
C PHE D 71 -1.22 13.16 6.01
N GLY D 72 -0.22 13.98 6.36
CA GLY D 72 0.09 15.13 5.52
C GLY D 72 0.51 14.70 4.13
N TYR D 73 1.28 13.61 4.04
CA TYR D 73 1.65 13.06 2.75
C TYR D 73 0.41 12.60 1.99
N ARG D 74 -0.46 11.87 2.68
CA ARG D 74 -1.64 11.32 2.03
C ARG D 74 -2.62 12.43 1.63
N LEU D 75 -2.69 13.52 2.39
CA LEU D 75 -3.53 14.64 2.00
C LEU D 75 -3.00 15.29 0.72
N ALA D 76 -1.69 15.52 0.66
CA ALA D 76 -1.09 16.10 -0.53
C ALA D 76 -1.24 15.17 -1.73
N LEU D 77 -1.02 13.87 -1.52
CA LEU D 77 -1.26 12.87 -2.57
C LEU D 77 -2.68 12.92 -3.08
N HIS D 78 -3.66 13.02 -2.16
CA HIS D 78 -5.05 13.12 -2.54
C HIS D 78 -5.27 14.29 -3.49
N VAL D 79 -4.76 15.47 -3.12
CA VAL D 79 -4.95 16.65 -3.96
C VAL D 79 -4.30 16.44 -5.33
N TYR D 80 -3.08 15.94 -5.35
CA TYR D 80 -2.39 15.67 -6.60
C TYR D 80 -3.20 14.73 -7.51
N GLN D 81 -3.72 13.62 -6.95
CA GLN D 81 -4.38 12.63 -7.80
C GLN D 81 -5.71 13.14 -8.32
N HIS D 82 -6.41 13.98 -7.55
CA HIS D 82 -7.74 14.43 -7.95
C HIS D 82 -7.70 15.71 -8.77
N GLY D 83 -6.52 16.31 -8.95
CA GLY D 83 -6.44 17.58 -9.67
C GLY D 83 -6.86 17.47 -11.12
N LEU D 84 -7.49 18.52 -11.65
CA LEU D 84 -7.95 18.52 -13.02
C LEU D 84 -7.03 19.29 -13.95
N THR D 85 -6.11 20.07 -13.42
CA THR D 85 -5.22 20.88 -14.25
C THR D 85 -4.15 20.01 -14.90
S SO4 E . -18.26 1.66 -0.56
O1 SO4 E . -19.64 1.43 -0.10
O2 SO4 E . -17.35 0.86 0.26
O3 SO4 E . -17.98 3.08 -0.47
O4 SO4 E . -18.17 1.25 -1.96
S SO4 F . -17.45 -0.81 -25.34
O1 SO4 F . -16.91 -0.07 -24.19
O2 SO4 F . -17.50 -2.24 -24.99
O3 SO4 F . -16.60 -0.64 -26.50
O4 SO4 F . -18.80 -0.33 -25.62
C1 C8E G . -3.03 -12.84 -21.40
C2 C8E G . -4.53 -12.67 -21.25
C3 C8E G . -5.31 -13.73 -22.03
C4 C8E G . -6.32 -13.09 -22.96
C5 C8E G . -7.72 -13.64 -22.72
C6 C8E G . -8.55 -13.69 -24.00
C7 C8E G . -9.58 -14.79 -23.94
C1 C8E H . -2.40 -6.29 -20.00
C2 C8E H . -3.19 -6.66 -21.25
C3 C8E H . -3.01 -8.13 -21.63
C4 C8E H . -3.39 -8.38 -23.08
C5 C8E H . -4.34 -9.56 -23.26
C6 C8E H . -5.67 -9.09 -23.87
C7 C8E H . -6.26 -10.03 -24.92
C8 C8E H . -7.38 -9.34 -25.67
O9 C8E H . -7.68 -9.99 -26.89
C10 C8E H . -9.01 -10.43 -26.92
C11 C8E H . -9.38 -10.94 -28.32
C1 C8E I . 12.47 15.49 -0.14
C2 C8E I . 12.26 16.07 1.26
C3 C8E I . 11.41 17.33 1.21
C4 C8E I . 10.47 17.35 0.01
C5 C8E I . 9.03 17.05 0.42
C6 C8E I . 8.04 17.86 -0.39
C7 C8E I . 6.83 17.00 -0.75
C8 C8E I . 5.67 17.11 0.23
O9 C8E I . 4.46 16.84 -0.46
C10 C8E I . 4.36 15.51 -0.88
C11 C8E I . 3.22 15.35 -1.88
O12 C8E I . 3.63 14.54 -2.95
C13 C8E I . 2.59 13.80 -3.53
C14 C8E I . 3.26 12.83 -4.49
O15 C8E I . 3.19 13.35 -5.78
C16 C8E I . 3.81 12.57 -6.78
C17 C8E I . 5.08 11.90 -6.26
O18 C8E I . 5.83 11.55 -7.40
C19 C8E I . 7.22 11.74 -7.25
C20 C8E I . 7.82 10.48 -6.64
O21 C8E I . 8.55 10.81 -5.49
C1 EDO J . 9.58 9.92 -9.69
O1 EDO J . 10.88 9.74 -9.12
C2 EDO J . 8.93 8.56 -9.91
O2 EDO J . 8.95 7.80 -8.69
C1 C8E K . 1.66 -10.06 -10.74
C2 C8E K . 1.13 -8.64 -10.53
C3 C8E K . 1.45 -8.18 -9.11
C4 C8E K . 2.73 -7.36 -9.03
C5 C8E K . 2.57 -6.31 -7.94
C6 C8E K . 3.87 -5.57 -7.61
C7 C8E K . 3.63 -4.60 -6.45
C8 C8E K . 4.89 -3.85 -6.04
O9 C8E K . 4.63 -3.05 -4.90
C10 C8E K . 5.70 -2.97 -4.00
C11 C8E K . 5.54 -1.83 -2.99
O12 C8E K . 4.62 -2.18 -1.98
C13 C8E K . 5.04 -2.07 -0.63
C14 C8E K . 4.34 -3.13 0.21
O15 C8E K . 3.23 -3.64 -0.49
C16 C8E K . 2.32 -4.38 0.31
C17 C8E K . 1.88 -3.50 1.47
O18 C8E K . 0.47 -3.53 1.56
C19 C8E K . 0.06 -2.78 2.69
C20 C8E K . -1.22 -2.02 2.32
O21 C8E K . -0.90 -0.69 2.01
C1 LBN L . -13.26 -13.86 -19.86
N1 LBN L . -18.67 -11.73 -18.77
P1 LBN L . -13.99 -11.42 -19.09
C2 LBN L . -12.06 -14.75 -19.57
C3 LBN L . -12.23 -16.11 -20.27
C4 LBN L . -0.21 -14.37 -16.24
C6 LBN L . -17.53 -11.79 -17.84
O1 LBN L . -13.17 -12.86 -18.89
C9 LBN L . -16.31 -12.55 -18.37
O2 LBN L . -15.61 -11.69 -19.24
C12 LBN L . -18.46 -10.68 -19.75
O3 LBN L . -13.56 -10.74 -20.38
C15 LBN L . -19.88 -11.42 -18.02
O4 LBN L . -13.70 -10.52 -17.89
C18 LBN L . -18.87 -13.01 -19.43
C25 LBN L . -10.11 -17.14 -20.74
O5 LBN L . -11.17 -16.30 -21.17
C26 LBN L . -8.67 -16.64 -20.83
O6 LBN L . -10.33 -18.22 -20.32
C27 LBN L . -7.80 -17.07 -19.65
C28 LBN L . -6.36 -16.60 -19.84
C29 LBN L . -5.71 -16.12 -18.54
C30 LBN L . -4.41 -15.34 -18.80
C31 LBN L . -3.65 -15.03 -17.51
C32 LBN L . -2.25 -14.47 -17.75
C33 LBN L . -1.64 -13.88 -16.49
C34 LBN L . -10.19 -13.44 -18.98
O7 LBN L . -10.93 -14.06 -20.01
C35 LBN L . -8.79 -12.84 -19.31
O8 LBN L . -10.61 -13.38 -17.88
C36 LBN L . -8.28 -11.97 -18.14
C37 LBN L . -6.77 -11.69 -18.32
C38 LBN L . -6.32 -10.34 -17.71
C39 LBN L . -4.77 -10.22 -17.78
C40 LBN L . -4.26 -8.94 -17.08
C1 C8E M . -2.87 -17.26 -13.63
C2 C8E M . -4.08 -17.24 -14.57
C3 C8E M . -4.10 -18.44 -15.51
C4 C8E M . -5.51 -18.72 -16.02
C5 C8E M . -5.72 -20.21 -16.30
C6 C8E M . -7.08 -20.69 -15.81
C7 C8E M . -7.92 -21.17 -16.97
C8 C8E M . -9.15 -21.92 -16.46
O9 C8E M . -10.30 -21.45 -17.14
S SO4 N . 3.50 -9.37 5.56
O1 SO4 N . 3.13 -9.60 6.97
O2 SO4 N . 4.72 -10.12 5.26
O3 SO4 N . 3.72 -7.95 5.36
O4 SO4 N . 2.42 -9.84 4.68
C1 C8E O . 5.99 10.12 6.60
C2 C8E O . 6.26 11.07 5.45
C3 C8E O . 5.58 10.56 4.21
C4 C8E O . 6.53 9.76 3.33
C5 C8E O . 5.74 8.84 2.44
C6 C8E O . 6.38 8.65 1.07
C7 C8E O . 5.68 7.52 0.32
C8 C8E O . 6.31 7.27 -1.04
O9 C8E O . 5.86 6.03 -1.53
C10 C8E O . 4.55 6.07 -2.03
C11 C8E O . 4.23 4.77 -2.77
O12 C8E O . 3.01 4.22 -2.32
C13 C8E O . 1.98 4.31 -3.28
C14 C8E O . 0.84 5.18 -2.75
O15 C8E O . 0.37 4.67 -1.53
C16 C8E O . -1.03 4.54 -1.56
C17 C8E O . -1.61 4.64 -0.16
O18 C8E O . -2.90 4.04 -0.17
C19 C8E O . -2.88 2.69 -0.65
C20 C8E O . -3.57 1.73 0.31
O21 C8E O . -2.76 0.66 0.75
C1 EDO P . -1.78 14.10 -25.22
O1 EDO P . -2.82 14.30 -24.25
C2 EDO P . -1.31 12.68 -24.95
O2 EDO P . -1.72 12.43 -23.61
C1 EDO Q . 1.82 14.34 -16.33
O1 EDO Q . 0.65 15.15 -16.26
C2 EDO Q . 1.86 13.69 -17.71
O2 EDO Q . 1.60 14.71 -18.69
C3 C8E R . 10.48 12.00 12.56
C4 C8E R . 11.15 11.92 13.94
C5 C8E R . 10.10 11.80 15.03
C6 C8E R . 10.17 12.96 16.00
C7 C8E R . 9.51 12.61 17.33
C8 C8E R . 9.56 13.78 18.30
O9 C8E R . 8.56 13.62 19.28
C10 C8E R . 9.08 13.21 20.51
C11 C8E R . 8.59 14.19 21.57
O12 C8E R . 7.83 13.49 22.54
C13 C8E R . 8.49 13.41 23.78
C14 C8E R . 7.65 12.56 24.75
O15 C8E R . 7.84 11.20 24.44
C16 C8E R . 6.69 10.42 24.70
C17 C8E R . 6.80 9.70 26.03
C5 C8E S . 4.01 20.22 5.12
C6 C8E S . 4.50 18.80 5.43
C7 C8E S . 3.36 17.81 5.31
C8 C8E S . 3.78 16.35 5.47
O9 C8E S . 4.36 15.87 4.28
C10 C8E S . 5.62 15.32 4.51
C11 C8E S . 6.39 15.18 3.20
O12 C8E S . 7.46 14.27 3.36
C13 C8E S . 8.10 14.01 2.13
C14 C8E S . 7.59 12.71 1.53
O15 C8E S . 8.36 12.41 0.38
C16 C8E S . 7.69 12.78 -0.80
C17 C8E S . 8.61 13.67 -1.63
O18 C8E S . 8.69 13.14 -2.92
C19 C8E S . 8.21 14.05 -3.89
C20 C8E S . 8.98 13.80 -5.18
O21 C8E S . 9.55 14.97 -5.71
S SO4 T . -6.80 9.06 -2.98
O1 SO4 T . -5.96 7.87 -3.11
O2 SO4 T . -6.81 9.48 -1.57
O3 SO4 T . -8.17 8.78 -3.43
O4 SO4 T . -6.19 10.12 -3.78
#